data_4UNQ
#
_entry.id   4UNQ
#
_cell.length_a   75.459
_cell.length_b   75.459
_cell.length_c   71.579
_cell.angle_alpha   90.00
_cell.angle_beta   90.00
_cell.angle_gamma   120.00
#
_symmetry.space_group_name_H-M   'P 32'
#
loop_
_entity.id
_entity.type
_entity.pdbx_description
1 polymer 'THYMIDYLATE KINASE'
2 non-polymer 4-[(R)-methylsulfinyl]-2-oxo-6-[3-(trifluoromethoxy)phenyl]-1,2-dihydropyridine-3-carbonitrile
3 non-polymer 'SODIUM ION'
4 water water
#
_entity_poly.entity_id   1
_entity_poly.type   'polypeptide(L)'
_entity_poly.pdbx_seq_one_letter_code
;MLIAIEGVDGAGKRTLVEKLSGAFRAAGRSVATLAFPRYGQSVAADIAAEALHGEHGDLASSVYAMATLFALDRAGAVHT
IQGLCRGYDVVILDRYVASNAAYSAARLHENAAGKAAAWVQRIEFARLGLPKPDWQVLLAVSAELAGERSRGRAQRDPGR
ARDNYERDAELQQRTGAVYAELAAQGWGGRWLVVGADVDPGRLAATLAPP
;
_entity_poly.pdbx_strand_id   A,B
#
loop_
_chem_comp.id
_chem_comp.type
_chem_comp.name
_chem_comp.formula
H6D non-polymer 4-[(R)-methylsulfinyl]-2-oxo-6-[3-(trifluoromethoxy)phenyl]-1,2-dihydropyridine-3-carbonitrile 'C14 H9 F3 N2 O3 S'
NA non-polymer 'SODIUM ION' 'Na 1'
#
# COMPACT_ATOMS: atom_id res chain seq x y z
N MET A 1 24.88 -1.61 14.83
CA MET A 1 25.08 -0.71 13.68
C MET A 1 24.20 -1.17 12.55
N LEU A 2 23.49 -0.23 11.93
CA LEU A 2 22.65 -0.52 10.76
C LEU A 2 23.25 0.04 9.46
N ILE A 3 23.43 -0.81 8.46
CA ILE A 3 24.12 -0.49 7.24
C ILE A 3 23.23 -0.89 6.08
N ALA A 4 23.05 -0.01 5.10
CA ALA A 4 22.36 -0.33 3.86
C ALA A 4 23.37 -0.34 2.72
N ILE A 5 23.31 -1.40 1.93
CA ILE A 5 24.03 -1.46 0.69
C ILE A 5 23.09 -1.06 -0.43
N GLU A 6 23.53 -0.05 -1.19
CA GLU A 6 22.75 0.51 -2.27
C GLU A 6 23.48 0.42 -3.60
N GLY A 7 22.71 0.50 -4.66
CA GLY A 7 23.26 0.71 -6.01
C GLY A 7 22.24 0.25 -7.03
N VAL A 8 22.57 0.36 -8.31
CA VAL A 8 21.62 -0.03 -9.38
C VAL A 8 21.57 -1.56 -9.55
N ASP A 9 20.55 -2.01 -10.26
CA ASP A 9 20.31 -3.42 -10.46
C ASP A 9 21.43 -3.98 -11.30
N GLY A 10 22.07 -5.02 -10.78
CA GLY A 10 23.19 -5.67 -11.49
C GLY A 10 24.51 -5.14 -10.97
N ALA A 11 24.47 -4.15 -10.08
CA ALA A 11 25.72 -3.58 -9.63
C ALA A 11 26.56 -4.66 -8.92
N GLY A 12 25.88 -5.59 -8.24
CA GLY A 12 26.52 -6.71 -7.54
C GLY A 12 26.52 -6.45 -6.03
N LYS A 13 25.37 -5.99 -5.53
CA LYS A 13 25.20 -5.64 -4.13
C LYS A 13 25.23 -6.85 -3.26
N ARG A 14 24.63 -7.94 -3.74
CA ARG A 14 24.63 -9.15 -2.94
C ARG A 14 26.05 -9.63 -2.63
N THR A 15 26.90 -9.65 -3.63
CA THR A 15 28.29 -10.05 -3.43
C THR A 15 28.95 -9.15 -2.35
N LEU A 16 28.78 -7.83 -2.46
CA LEU A 16 29.25 -6.89 -1.43
C LEU A 16 28.75 -7.24 -0.02
N VAL A 17 27.46 -7.52 0.08
CA VAL A 17 26.85 -7.88 1.33
C VAL A 17 27.58 -9.08 1.93
N GLU A 18 27.85 -10.09 1.10
CA GLU A 18 28.45 -11.34 1.57
C GLU A 18 29.91 -11.11 1.96
N LYS A 19 30.61 -10.34 1.14
CA LYS A 19 31.97 -9.94 1.41
C LYS A 19 32.07 -9.15 2.69
N LEU A 20 31.19 -8.18 2.86
CA LEU A 20 31.16 -7.43 4.10
C LEU A 20 30.81 -8.29 5.28
N SER A 21 29.83 -9.17 5.13
CA SER A 21 29.43 -10.02 6.23
C SER A 21 30.59 -10.82 6.74
N GLY A 22 31.34 -11.45 5.84
CA GLY A 22 32.55 -12.21 6.23
C GLY A 22 33.62 -11.36 6.90
N ALA A 23 33.79 -10.11 6.44
CA ALA A 23 34.82 -9.23 7.00
C ALA A 23 34.44 -8.82 8.42
N PHE A 24 33.16 -8.59 8.66
CA PHE A 24 32.71 -8.24 9.99
C PHE A 24 32.83 -9.42 10.94
N ARG A 25 32.46 -10.60 10.47
CA ARG A 25 32.59 -11.77 11.32
C ARG A 25 34.06 -12.11 11.59
N ALA A 26 34.93 -11.90 10.59
CA ALA A 26 36.37 -12.07 10.79
C ALA A 26 36.86 -11.12 11.85
N ALA A 27 36.25 -9.94 11.96
CA ALA A 27 36.64 -8.97 12.98
C ALA A 27 35.92 -9.23 14.32
N GLY A 28 35.24 -10.37 14.42
CA GLY A 28 34.62 -10.83 15.67
C GLY A 28 33.23 -10.26 15.92
N ARG A 29 32.55 -9.83 14.86
CA ARG A 29 31.24 -9.18 14.97
C ARG A 29 30.12 -10.05 14.43
N SER A 30 29.00 -10.13 15.13
CA SER A 30 27.87 -10.89 14.62
C SER A 30 27.14 -10.04 13.57
N VAL A 31 26.54 -10.70 12.59
CA VAL A 31 25.95 -10.02 11.44
C VAL A 31 24.66 -10.70 11.07
N ALA A 32 23.66 -9.91 10.71
CA ALA A 32 22.40 -10.37 10.16
C ALA A 32 22.09 -9.56 8.91
N THR A 33 21.38 -10.15 7.97
CA THR A 33 21.03 -9.45 6.75
C THR A 33 19.60 -9.69 6.33
N LEU A 34 19.13 -8.73 5.55
CA LEU A 34 17.82 -8.70 4.95
C LEU A 34 17.97 -8.08 3.56
N ALA A 35 17.12 -8.46 2.62
CA ALA A 35 17.14 -7.91 1.28
C ALA A 35 15.78 -7.29 1.07
N PHE A 36 15.75 -6.09 0.47
CA PHE A 36 14.52 -5.55 -0.08
C PHE A 36 14.61 -5.39 -1.60
N PRO A 37 13.44 -5.34 -2.28
CA PRO A 37 12.08 -5.64 -1.75
C PRO A 37 11.86 -7.11 -1.37
N ARG A 38 10.88 -7.38 -0.52
CA ARG A 38 10.71 -8.75 -0.01
C ARG A 38 9.71 -9.53 -0.85
N TYR A 39 10.08 -9.72 -2.11
CA TYR A 39 9.28 -10.50 -3.02
C TYR A 39 9.01 -11.88 -2.40
N GLY A 40 7.78 -12.38 -2.59
CA GLY A 40 7.31 -13.67 -2.04
C GLY A 40 6.96 -13.65 -0.56
N GLN A 41 6.97 -12.48 0.05
CA GLN A 41 6.67 -12.29 1.49
C GLN A 41 5.72 -11.13 1.69
N SER A 42 6.09 -10.00 1.08
CA SER A 42 5.30 -8.77 1.15
C SER A 42 4.38 -8.74 -0.08
N VAL A 43 3.08 -8.70 0.18
CA VAL A 43 2.14 -8.54 -0.91
C VAL A 43 2.34 -7.21 -1.66
N ALA A 44 2.77 -6.17 -0.93
CA ALA A 44 3.02 -4.83 -1.49
C ALA A 44 4.16 -4.83 -2.48
N ALA A 45 5.29 -5.41 -2.07
CA ALA A 45 6.40 -5.72 -2.99
C ALA A 45 5.94 -6.50 -4.21
N ASP A 46 5.10 -7.51 -4.02
CA ASP A 46 4.81 -8.44 -5.10
C ASP A 46 3.92 -7.75 -6.14
N ILE A 47 2.99 -6.92 -5.70
CA ILE A 47 2.11 -6.13 -6.57
C ILE A 47 2.96 -5.13 -7.39
N ALA A 48 3.93 -4.53 -6.72
CA ALA A 48 4.88 -3.58 -7.33
C ALA A 48 5.69 -4.24 -8.44
N ALA A 49 6.32 -5.38 -8.19
CA ALA A 49 7.01 -6.12 -9.27
C ALA A 49 6.05 -6.43 -10.38
N GLU A 50 4.93 -7.04 -10.00
CA GLU A 50 3.89 -7.42 -10.95
C GLU A 50 3.47 -6.24 -11.82
N ALA A 51 3.35 -5.07 -11.22
CA ALA A 51 2.96 -3.87 -11.94
C ALA A 51 3.97 -3.43 -13.00
N LEU A 52 5.26 -3.65 -12.74
CA LEU A 52 6.31 -3.32 -13.70
C LEU A 52 6.35 -4.29 -14.89
N HIS A 53 5.62 -5.41 -14.76
CA HIS A 53 5.43 -6.36 -15.83
C HIS A 53 4.06 -6.20 -16.48
N GLY A 54 3.48 -5.01 -16.37
CA GLY A 54 2.27 -4.70 -17.12
C GLY A 54 0.97 -5.16 -16.50
N GLU A 55 1.03 -5.75 -15.30
CA GLU A 55 -0.18 -6.09 -14.55
C GLU A 55 -0.70 -4.87 -13.77
N HIS A 56 -1.93 -5.01 -13.28
CA HIS A 56 -2.58 -4.06 -12.39
C HIS A 56 -2.81 -2.72 -13.07
N GLY A 57 -3.37 -2.79 -14.27
CA GLY A 57 -3.81 -1.61 -15.01
C GLY A 57 -2.74 -0.55 -15.13
N ASP A 58 -3.07 0.68 -14.74
CA ASP A 58 -2.17 1.84 -14.84
C ASP A 58 -1.27 2.10 -13.60
N LEU A 59 -1.07 1.11 -12.74
CA LEU A 59 -0.31 1.35 -11.48
C LEU A 59 1.13 1.87 -11.69
N ALA A 60 1.88 1.18 -12.55
CA ALA A 60 3.27 1.54 -12.92
C ALA A 60 3.46 2.94 -13.45
N SER A 61 2.38 3.58 -13.89
CA SER A 61 2.46 4.93 -14.42
C SER A 61 2.67 5.99 -13.34
N SER A 62 2.40 5.66 -12.10
CA SER A 62 2.62 6.61 -11.00
C SER A 62 3.88 6.25 -10.26
N VAL A 63 4.82 7.18 -10.23
CA VAL A 63 6.07 6.94 -9.53
C VAL A 63 5.82 6.85 -8.03
N TYR A 64 5.05 7.80 -7.52
CA TYR A 64 4.64 7.82 -6.14
C TYR A 64 3.84 6.59 -5.71
N ALA A 65 3.06 6.02 -6.61
CA ALA A 65 2.35 4.79 -6.28
C ALA A 65 3.33 3.64 -6.05
N MET A 66 4.27 3.48 -6.97
CA MET A 66 5.32 2.47 -6.85
C MET A 66 6.15 2.72 -5.61
N ALA A 67 6.59 3.97 -5.44
CA ALA A 67 7.33 4.36 -4.25
C ALA A 67 6.58 4.00 -2.97
N THR A 68 5.28 4.27 -2.93
CA THR A 68 4.47 3.96 -1.74
C THR A 68 4.45 2.43 -1.46
N LEU A 69 4.26 1.61 -2.51
CA LEU A 69 4.25 0.17 -2.32
C LEU A 69 5.57 -0.29 -1.73
N PHE A 70 6.67 0.21 -2.25
CA PHE A 70 7.95 -0.21 -1.70
C PHE A 70 8.17 0.26 -0.28
N ALA A 71 7.62 1.41 0.09
CA ALA A 71 7.66 1.90 1.45
C ALA A 71 6.85 1.02 2.43
N LEU A 72 5.70 0.54 1.97
CA LEU A 72 4.81 -0.27 2.80
C LEU A 72 5.44 -1.62 3.04
N ASP A 73 6.14 -2.12 2.04
CA ASP A 73 6.97 -3.29 2.23
C ASP A 73 8.01 -3.10 3.36
N ARG A 74 8.87 -2.11 3.26
CA ARG A 74 9.83 -1.87 4.34
C ARG A 74 9.17 -1.67 5.70
N ALA A 75 8.09 -0.91 5.74
CA ALA A 75 7.37 -0.65 7.00
C ALA A 75 6.87 -1.92 7.67
N GLY A 76 6.44 -2.89 6.88
CA GLY A 76 6.00 -4.16 7.44
C GLY A 76 7.16 -4.87 8.16
N ALA A 77 8.39 -4.59 7.69
CA ALA A 77 9.62 -5.16 8.28
C ALA A 77 10.24 -4.34 9.42
N VAL A 78 9.65 -3.23 9.82
CA VAL A 78 10.29 -2.30 10.73
C VAL A 78 10.63 -2.97 12.06
N HIS A 79 9.75 -3.83 12.52
CA HIS A 79 9.98 -4.56 13.80
C HIS A 79 11.07 -5.63 13.71
N THR A 80 11.14 -6.31 12.56
CA THR A 80 12.21 -7.25 12.28
C THR A 80 13.54 -6.46 12.29
N ILE A 81 13.63 -5.38 11.55
CA ILE A 81 14.86 -4.57 11.50
C ILE A 81 15.34 -4.20 12.90
N GLN A 82 14.45 -3.62 13.71
CA GLN A 82 14.78 -3.15 15.05
C GLN A 82 15.17 -4.33 15.90
N GLY A 83 14.54 -5.49 15.66
CA GLY A 83 14.86 -6.72 16.39
C GLY A 83 16.25 -7.20 16.05
N LEU A 84 16.62 -7.17 14.77
CA LEU A 84 17.97 -7.60 14.36
C LEU A 84 19.03 -6.64 14.88
N CYS A 85 18.72 -5.36 14.96
CA CYS A 85 19.64 -4.37 15.51
C CYS A 85 19.95 -4.55 17.00
N ARG A 86 19.00 -5.13 17.75
CA ARG A 86 19.23 -5.50 19.12
C ARG A 86 19.95 -6.86 19.21
N GLY A 87 19.71 -7.74 18.25
CA GLY A 87 20.23 -9.11 18.37
C GLY A 87 21.66 -9.33 17.83
N TYR A 88 22.16 -8.38 17.05
CA TYR A 88 23.40 -8.53 16.33
C TYR A 88 24.17 -7.22 16.32
N ASP A 89 25.48 -7.33 16.32
CA ASP A 89 26.35 -6.17 16.25
C ASP A 89 26.09 -5.31 15.01
N VAL A 90 26.02 -5.95 13.87
CA VAL A 90 25.93 -5.27 12.59
C VAL A 90 24.74 -5.85 11.84
N VAL A 91 23.87 -4.98 11.34
CA VAL A 91 22.77 -5.41 10.51
C VAL A 91 22.98 -4.77 9.14
N ILE A 92 22.99 -5.59 8.09
CA ILE A 92 23.27 -5.13 6.72
C ILE A 92 22.05 -5.35 5.88
N LEU A 93 21.56 -4.28 5.26
CA LEU A 93 20.39 -4.36 4.40
C LEU A 93 20.80 -4.23 2.94
N ASP A 94 20.40 -5.20 2.14
CA ASP A 94 20.58 -5.15 0.70
C ASP A 94 19.38 -4.37 0.12
N ARG A 95 19.62 -3.09 -0.17
CA ARG A 95 18.61 -2.07 -0.49
C ARG A 95 17.86 -1.64 0.74
N TYR A 96 17.62 -0.34 0.81
CA TYR A 96 16.87 0.21 1.93
C TYR A 96 16.18 1.45 1.40
N VAL A 97 15.91 2.41 2.28
CA VAL A 97 15.10 3.58 1.94
C VAL A 97 15.65 4.38 0.77
N ALA A 98 16.97 4.48 0.71
CA ALA A 98 17.59 5.29 -0.34
C ALA A 98 17.25 4.82 -1.77
N SER A 99 17.03 3.52 -1.94
CA SER A 99 16.53 2.99 -3.20
C SER A 99 15.26 3.69 -3.67
N ASN A 100 14.37 3.98 -2.75
CA ASN A 100 13.11 4.64 -3.13
C ASN A 100 13.42 6.08 -3.61
N ALA A 101 14.32 6.76 -2.92
CA ALA A 101 14.65 8.16 -3.27
C ALA A 101 15.30 8.21 -4.65
N ALA A 102 16.23 7.31 -4.89
CA ALA A 102 17.00 7.27 -6.11
C ALA A 102 16.18 6.88 -7.36
N TYR A 103 15.34 5.83 -7.28
CA TYR A 103 14.54 5.42 -8.43
C TYR A 103 13.41 6.40 -8.71
N SER A 104 12.83 6.97 -7.65
CA SER A 104 11.78 7.95 -7.80
C SER A 104 12.29 9.26 -8.42
N ALA A 105 13.31 9.85 -7.83
CA ALA A 105 13.90 11.09 -8.38
C ALA A 105 14.39 10.90 -9.80
N ALA A 106 15.08 9.79 -10.05
CA ALA A 106 15.52 9.44 -11.41
C ALA A 106 14.36 9.46 -12.40
N ARG A 107 13.28 8.81 -11.99
CA ARG A 107 12.11 8.65 -12.83
C ARG A 107 11.45 9.96 -13.18
N LEU A 108 11.35 10.82 -12.16
CA LEU A 108 10.73 12.12 -12.25
C LEU A 108 11.71 13.19 -12.78
N HIS A 109 12.95 12.80 -13.11
CA HIS A 109 13.95 13.73 -13.62
C HIS A 109 14.17 14.87 -12.62
N GLU A 110 14.31 14.46 -11.37
CA GLU A 110 14.54 15.34 -10.25
C GLU A 110 15.92 15.04 -9.67
N ASN A 111 16.45 16.00 -8.93
CA ASN A 111 17.69 15.79 -8.21
C ASN A 111 17.46 15.43 -6.73
N ALA A 112 18.55 15.04 -6.05
CA ALA A 112 18.54 14.64 -4.63
C ALA A 112 18.03 15.68 -3.65
N ALA A 113 18.09 16.96 -3.99
CA ALA A 113 17.47 18.02 -3.17
C ALA A 113 16.04 18.39 -3.66
N GLY A 114 15.43 17.51 -4.46
CA GLY A 114 14.09 17.72 -4.99
C GLY A 114 12.99 17.13 -4.13
N LYS A 115 11.77 17.17 -4.67
CA LYS A 115 10.56 16.83 -3.91
C LYS A 115 10.48 15.36 -3.54
N ALA A 116 10.65 14.48 -4.52
CA ALA A 116 10.47 13.03 -4.30
C ALA A 116 11.42 12.51 -3.22
N ALA A 117 12.69 12.92 -3.26
CA ALA A 117 13.68 12.46 -2.30
C ALA A 117 13.29 12.91 -0.90
N ALA A 118 12.75 14.11 -0.77
CA ALA A 118 12.31 14.62 0.52
C ALA A 118 11.02 13.94 1.01
N TRP A 119 10.10 13.69 0.07
CA TRP A 119 8.88 12.89 0.35
C TRP A 119 9.19 11.51 0.93
N VAL A 120 10.11 10.80 0.29
CA VAL A 120 10.53 9.47 0.75
C VAL A 120 11.01 9.55 2.18
N GLN A 121 11.85 10.54 2.51
CA GLN A 121 12.27 10.70 3.91
C GLN A 121 11.11 10.90 4.85
N ARG A 122 10.17 11.78 4.47
CA ARG A 122 9.05 12.09 5.35
C ARG A 122 8.21 10.84 5.59
N ILE A 123 8.01 10.08 4.52
CA ILE A 123 7.11 8.95 4.58
C ILE A 123 7.79 7.83 5.31
N GLU A 124 8.98 7.45 4.86
CA GLU A 124 9.59 6.24 5.41
C GLU A 124 10.19 6.46 6.81
N PHE A 125 11.02 7.49 6.98
CA PHE A 125 11.70 7.68 8.26
C PHE A 125 10.81 8.37 9.33
N ALA A 126 10.08 9.41 8.96
CA ALA A 126 9.33 10.18 9.97
C ALA A 126 7.98 9.52 10.25
N ARG A 127 7.16 9.39 9.22
CA ARG A 127 5.82 8.83 9.37
C ARG A 127 5.82 7.36 9.75
N LEU A 128 6.40 6.54 8.89
CA LEU A 128 6.36 5.08 9.05
C LEU A 128 7.39 4.56 10.12
N GLY A 129 8.29 5.43 10.56
CA GLY A 129 9.18 5.11 11.66
C GLY A 129 10.33 4.19 11.31
N LEU A 130 10.70 4.05 10.04
CA LEU A 130 11.88 3.25 9.71
C LEU A 130 13.10 3.90 10.32
N PRO A 131 13.96 3.10 10.97
CA PRO A 131 15.14 3.70 11.54
C PRO A 131 16.11 4.11 10.44
N LYS A 132 16.81 5.20 10.68
CA LYS A 132 17.78 5.71 9.74
C LYS A 132 19.02 4.88 9.81
N PRO A 133 19.59 4.53 8.67
CA PRO A 133 20.82 3.76 8.70
C PRO A 133 22.02 4.55 9.21
N ASP A 134 22.90 3.94 9.99
CA ASP A 134 24.17 4.57 10.38
C ASP A 134 25.09 4.84 9.17
N TRP A 135 25.14 3.90 8.25
CA TRP A 135 25.85 4.06 6.98
C TRP A 135 25.03 3.61 5.78
N GLN A 136 25.20 4.32 4.67
CA GLN A 136 24.69 3.85 3.40
C GLN A 136 25.85 3.72 2.42
N VAL A 137 26.04 2.53 1.89
CA VAL A 137 27.17 2.23 1.07
C VAL A 137 26.73 2.08 -0.34
N LEU A 138 27.12 3.05 -1.18
CA LEU A 138 26.79 3.01 -2.59
C LEU A 138 27.83 2.19 -3.34
N LEU A 139 27.42 1.07 -3.91
CA LEU A 139 28.25 0.32 -4.82
C LEU A 139 28.04 0.96 -6.19
N ALA A 140 29.07 1.63 -6.70
CA ALA A 140 28.94 2.39 -7.96
C ALA A 140 29.82 1.77 -9.03
N VAL A 141 29.19 1.15 -10.01
CA VAL A 141 29.93 0.42 -11.04
C VAL A 141 29.69 0.97 -12.45
N SER A 142 30.65 0.70 -13.32
CA SER A 142 30.60 1.09 -14.72
C SER A 142 29.40 0.48 -15.44
N ALA A 143 29.39 -0.85 -15.51
CA ALA A 143 28.37 -1.63 -16.23
C ALA A 143 27.65 -2.60 -15.28
N GLU A 144 26.37 -2.35 -15.06
CA GLU A 144 25.53 -3.29 -14.34
C GLU A 144 25.21 -4.47 -15.26
N ASP A 168 15.62 -1.16 -18.22
CA ASP A 168 15.62 0.11 -18.94
C ASP A 168 16.91 0.87 -18.67
N ALA A 169 17.79 0.95 -19.67
CA ALA A 169 19.15 1.48 -19.49
C ALA A 169 19.19 2.97 -19.18
N GLU A 170 18.26 3.72 -19.78
CA GLU A 170 18.17 5.18 -19.58
C GLU A 170 18.06 5.54 -18.10
N LEU A 171 17.08 4.91 -17.46
CA LEU A 171 16.77 5.11 -16.08
C LEU A 171 17.83 4.50 -15.13
N GLN A 172 18.48 3.39 -15.50
CA GLN A 172 19.43 2.78 -14.56
C GLN A 172 20.66 3.70 -14.42
N GLN A 173 21.11 4.24 -15.55
CA GLN A 173 22.23 5.19 -15.61
C GLN A 173 21.95 6.46 -14.81
N ARG A 174 20.73 6.98 -14.95
N ARG A 174 20.74 6.97 -14.94
CA ARG A 174 20.35 8.19 -14.24
CA ARG A 174 20.34 8.18 -14.25
C ARG A 174 20.17 7.90 -12.76
C ARG A 174 20.16 7.90 -12.76
N THR A 175 19.60 6.73 -12.43
CA THR A 175 19.45 6.32 -11.04
C THR A 175 20.82 6.21 -10.38
N GLY A 176 21.80 5.68 -11.10
CA GLY A 176 23.19 5.59 -10.58
C GLY A 176 23.73 6.96 -10.17
N ALA A 177 23.51 7.94 -11.06
CA ALA A 177 23.89 9.35 -10.88
C ALA A 177 23.17 9.97 -9.68
N VAL A 178 21.86 9.78 -9.60
CA VAL A 178 21.09 10.32 -8.46
C VAL A 178 21.60 9.73 -7.12
N TYR A 179 21.91 8.44 -7.14
CA TYR A 179 22.46 7.75 -5.98
C TYR A 179 23.74 8.43 -5.54
N ALA A 180 24.62 8.76 -6.49
CA ALA A 180 25.88 9.41 -6.15
C ALA A 180 25.62 10.77 -5.55
N GLU A 181 24.52 11.37 -5.98
CA GLU A 181 24.15 12.65 -5.47
C GLU A 181 23.62 12.53 -4.03
N LEU A 182 22.91 11.46 -3.75
CA LEU A 182 22.44 11.20 -2.38
C LEU A 182 23.65 11.04 -1.47
N ALA A 183 24.66 10.33 -1.96
CA ALA A 183 25.86 10.10 -1.16
C ALA A 183 26.62 11.43 -0.93
N ALA A 184 26.57 12.31 -1.92
CA ALA A 184 27.31 13.57 -1.87
C ALA A 184 26.67 14.55 -0.93
N GLN A 185 25.34 14.50 -0.85
CA GLN A 185 24.58 15.39 0.04
C GLN A 185 24.41 14.81 1.45
N GLY A 186 24.84 13.57 1.70
CA GLY A 186 24.61 12.94 3.01
C GLY A 186 23.13 12.69 3.28
N TRP A 187 22.41 12.21 2.28
CA TRP A 187 20.95 12.12 2.40
C TRP A 187 20.62 11.00 3.39
N GLY A 188 19.90 11.33 4.47
CA GLY A 188 19.55 10.37 5.53
C GLY A 188 20.66 9.94 6.47
N GLY A 189 21.87 10.47 6.30
CA GLY A 189 23.01 9.97 7.05
C GLY A 189 24.27 9.95 6.21
N ARG A 190 25.35 9.47 6.84
CA ARG A 190 26.62 9.22 6.21
C ARG A 190 26.60 8.14 5.15
N TRP A 191 27.39 8.37 4.12
CA TRP A 191 27.61 7.40 3.08
C TRP A 191 29.05 7.18 2.84
N LEU A 192 29.28 6.08 2.13
CA LEU A 192 30.52 5.83 1.47
C LEU A 192 30.20 5.36 0.05
N VAL A 193 31.05 5.68 -0.91
CA VAL A 193 30.86 5.18 -2.25
C VAL A 193 32.03 4.29 -2.56
N VAL A 194 31.74 3.11 -3.09
CA VAL A 194 32.75 2.09 -3.30
C VAL A 194 32.59 1.50 -4.70
N GLY A 195 33.68 0.94 -5.21
CA GLY A 195 33.67 0.25 -6.50
C GLY A 195 33.60 -1.25 -6.39
N ALA A 196 33.62 -1.94 -7.53
CA ALA A 196 33.45 -3.40 -7.54
C ALA A 196 34.57 -4.13 -6.84
N ASP A 197 35.79 -3.59 -6.88
CA ASP A 197 36.97 -4.24 -6.28
C ASP A 197 37.36 -3.69 -4.90
N VAL A 198 36.40 -3.15 -4.18
CA VAL A 198 36.70 -2.65 -2.86
C VAL A 198 37.15 -3.80 -1.95
N ASP A 199 38.13 -3.49 -1.10
CA ASP A 199 38.62 -4.45 -0.15
C ASP A 199 37.66 -4.49 1.03
N PRO A 200 37.01 -5.65 1.26
CA PRO A 200 35.99 -5.71 2.29
C PRO A 200 36.49 -5.59 3.74
N GLY A 201 37.73 -6.02 3.98
CA GLY A 201 38.30 -5.90 5.32
C GLY A 201 38.56 -4.45 5.66
N ARG A 202 39.08 -3.72 4.68
CA ARG A 202 39.28 -2.27 4.85
C ARG A 202 37.96 -1.55 5.03
N LEU A 203 36.96 -1.93 4.21
CA LEU A 203 35.62 -1.33 4.30
C LEU A 203 34.99 -1.59 5.67
N ALA A 204 35.02 -2.82 6.15
CA ALA A 204 34.53 -3.15 7.50
C ALA A 204 35.20 -2.32 8.61
N ALA A 205 36.52 -2.10 8.51
CA ALA A 205 37.22 -1.31 9.53
C ALA A 205 36.76 0.16 9.48
N THR A 206 36.62 0.71 8.28
CA THR A 206 36.02 2.05 8.10
C THR A 206 34.62 2.17 8.71
N LEU A 207 33.77 1.18 8.47
CA LEU A 207 32.38 1.22 8.96
C LEU A 207 32.23 0.95 10.48
N ALA A 208 33.15 0.20 11.04
CA ALA A 208 33.12 -0.18 12.47
C ALA A 208 33.24 1.00 13.39
N PRO A 209 32.39 1.03 14.43
CA PRO A 209 32.44 2.11 15.44
C PRO A 209 33.80 2.20 16.12
N MET B 1 -23.66 -13.21 10.43
CA MET B 1 -23.94 -12.62 9.09
C MET B 1 -23.12 -11.34 8.86
N LEU B 2 -22.57 -11.20 7.64
CA LEU B 2 -21.76 -10.02 7.24
C LEU B 2 -22.47 -9.17 6.16
N ILE B 3 -22.68 -7.88 6.45
CA ILE B 3 -23.44 -6.95 5.59
C ILE B 3 -22.60 -5.71 5.28
N ALA B 4 -22.58 -5.29 4.02
CA ALA B 4 -21.89 -4.05 3.61
C ALA B 4 -22.94 -3.08 3.11
N ILE B 5 -22.86 -1.85 3.59
CA ILE B 5 -23.68 -0.80 3.07
C ILE B 5 -22.84 -0.02 2.09
N GLU B 6 -23.41 0.21 0.90
CA GLU B 6 -22.73 0.83 -0.21
C GLU B 6 -23.49 2.00 -0.76
N GLY B 7 -22.78 2.93 -1.38
CA GLY B 7 -23.43 4.09 -1.96
C GLY B 7 -22.45 5.21 -2.19
N VAL B 8 -22.88 6.22 -2.93
CA VAL B 8 -22.02 7.30 -3.33
C VAL B 8 -21.96 8.32 -2.21
N ASP B 9 -21.06 9.28 -2.36
CA ASP B 9 -20.91 10.31 -1.35
C ASP B 9 -22.20 11.08 -1.22
N GLY B 10 -22.71 11.19 0.01
CA GLY B 10 -23.99 11.91 0.25
C GLY B 10 -25.22 11.01 0.21
N ALA B 11 -25.06 9.77 -0.25
CA ALA B 11 -26.10 8.73 -0.12
C ALA B 11 -26.79 8.74 1.28
N GLY B 12 -26.02 8.90 2.35
CA GLY B 12 -26.55 8.86 3.73
C GLY B 12 -26.39 7.49 4.36
N LYS B 13 -25.29 6.81 4.00
CA LYS B 13 -24.97 5.48 4.51
C LYS B 13 -24.85 5.38 6.01
N ARG B 14 -24.21 6.36 6.63
CA ARG B 14 -23.97 6.36 8.08
C ARG B 14 -25.29 6.28 8.82
N THR B 15 -26.26 7.05 8.37
CA THR B 15 -27.60 6.98 8.96
C THR B 15 -28.24 5.60 8.81
N LEU B 16 -28.16 5.01 7.62
CA LEU B 16 -28.72 3.69 7.38
C LEU B 16 -28.04 2.64 8.29
N VAL B 17 -26.74 2.80 8.48
CA VAL B 17 -26.01 1.93 9.39
C VAL B 17 -26.62 2.03 10.80
N GLU B 18 -26.77 3.26 11.29
CA GLU B 18 -27.34 3.51 12.62
C GLU B 18 -28.73 2.92 12.75
N LYS B 19 -29.60 3.27 11.82
CA LYS B 19 -30.97 2.78 11.81
C LYS B 19 -30.99 1.25 11.79
N LEU B 20 -30.16 0.65 10.91
CA LEU B 20 -30.17 -0.79 10.76
C LEU B 20 -29.62 -1.53 12.00
N SER B 21 -28.64 -0.91 12.67
CA SER B 21 -28.09 -1.46 13.91
C SER B 21 -29.14 -1.55 15.02
N GLY B 22 -30.00 -0.54 15.12
CA GLY B 22 -31.07 -0.52 16.13
C GLY B 22 -32.14 -1.56 15.85
N ALA B 23 -32.49 -1.72 14.59
CA ALA B 23 -33.46 -2.75 14.19
C ALA B 23 -32.98 -4.14 14.66
N PHE B 24 -31.70 -4.42 14.44
CA PHE B 24 -31.13 -5.73 14.80
C PHE B 24 -31.01 -5.91 16.31
N ARG B 25 -30.55 -4.89 17.03
CA ARG B 25 -30.48 -4.94 18.50
C ARG B 25 -31.86 -5.06 19.15
N ALA B 26 -32.84 -4.33 18.61
CA ALA B 26 -34.22 -4.44 19.06
C ALA B 26 -34.79 -5.86 18.85
N ALA B 27 -34.19 -6.62 17.93
CA ALA B 27 -34.61 -8.00 17.67
C ALA B 27 -33.72 -9.04 18.40
N GLY B 28 -32.89 -8.58 19.33
CA GLY B 28 -32.05 -9.47 20.13
C GLY B 28 -30.66 -9.75 19.57
N ARG B 29 -30.34 -9.21 18.39
CA ARG B 29 -29.02 -9.44 17.79
C ARG B 29 -27.95 -8.50 18.31
N SER B 30 -26.76 -9.05 18.54
CA SER B 30 -25.57 -8.23 18.78
C SER B 30 -25.07 -7.66 17.46
N VAL B 31 -24.72 -6.37 17.47
CA VAL B 31 -24.26 -5.70 16.25
C VAL B 31 -22.91 -5.04 16.47
N ALA B 32 -21.99 -5.31 15.53
CA ALA B 32 -20.70 -4.66 15.44
C ALA B 32 -20.64 -4.00 14.07
N THR B 33 -20.16 -2.76 14.04
CA THR B 33 -20.01 -2.01 12.80
C THR B 33 -18.59 -1.58 12.64
N LEU B 34 -18.20 -1.37 11.38
CA LEU B 34 -16.88 -0.90 11.00
C LEU B 34 -17.03 -0.07 9.75
N ALA B 35 -16.18 0.95 9.60
CA ALA B 35 -16.27 1.87 8.47
C ALA B 35 -15.00 1.81 7.64
N PHE B 36 -15.14 1.74 6.32
CA PHE B 36 -14.00 1.87 5.40
C PHE B 36 -14.18 3.08 4.52
N PRO B 37 -13.07 3.70 4.09
CA PRO B 37 -11.69 3.37 4.49
C PRO B 37 -11.47 3.69 5.95
N ARG B 38 -10.42 3.12 6.54
CA ARG B 38 -10.15 3.32 7.95
C ARG B 38 -9.22 4.51 8.16
N TYR B 39 -9.73 5.70 7.89
CA TYR B 39 -8.92 6.90 8.06
C TYR B 39 -8.48 7.02 9.52
N GLY B 40 -7.23 7.43 9.73
CA GLY B 40 -6.66 7.52 11.06
C GLY B 40 -6.24 6.22 11.76
N GLN B 41 -6.49 5.08 11.11
CA GLN B 41 -6.05 3.76 11.59
C GLN B 41 -5.09 3.07 10.59
N SER B 42 -5.20 3.47 9.32
CA SER B 42 -4.51 2.83 8.20
C SER B 42 -3.75 3.90 7.42
N VAL B 43 -2.43 3.79 7.43
N VAL B 43 -2.42 3.79 7.41
CA VAL B 43 -1.54 4.69 6.69
CA VAL B 43 -1.58 4.73 6.67
C VAL B 43 -1.83 4.61 5.19
C VAL B 43 -1.84 4.62 5.18
N ALA B 44 -2.29 3.45 4.74
CA ALA B 44 -2.61 3.23 3.34
C ALA B 44 -3.85 4.02 2.96
N ALA B 45 -4.86 3.99 3.85
CA ALA B 45 -6.10 4.73 3.65
C ALA B 45 -5.84 6.24 3.80
N ASP B 46 -5.04 6.61 4.78
CA ASP B 46 -4.66 8.02 4.99
C ASP B 46 -3.87 8.58 3.79
N ILE B 47 -2.96 7.81 3.21
CA ILE B 47 -2.22 8.26 2.01
C ILE B 47 -3.13 8.39 0.79
N ALA B 48 -4.05 7.43 0.64
CA ALA B 48 -5.02 7.45 -0.44
C ALA B 48 -5.82 8.74 -0.43
N ALA B 49 -6.32 9.09 0.75
CA ALA B 49 -7.20 10.26 0.91
C ALA B 49 -6.39 11.53 0.73
N GLU B 50 -5.25 11.60 1.41
CA GLU B 50 -4.29 12.70 1.21
C GLU B 50 -3.89 12.92 -0.25
N ALA B 51 -3.80 11.84 -1.01
CA ALA B 51 -3.48 11.90 -2.43
C ALA B 51 -4.56 12.63 -3.22
N LEU B 52 -5.81 12.45 -2.83
CA LEU B 52 -6.93 13.10 -3.53
C LEU B 52 -6.91 14.62 -3.37
N HIS B 53 -6.43 15.10 -2.22
CA HIS B 53 -6.29 16.55 -1.96
C HIS B 53 -4.95 17.12 -2.42
N GLY B 54 -4.35 16.50 -3.44
CA GLY B 54 -3.08 16.97 -3.99
C GLY B 54 -1.78 16.55 -3.31
N GLU B 55 -1.83 15.68 -2.31
CA GLU B 55 -0.58 15.21 -1.67
C GLU B 55 0.03 14.04 -2.45
N HIS B 56 1.27 13.69 -2.09
CA HIS B 56 1.94 12.50 -2.61
C HIS B 56 2.04 12.48 -4.14
N GLY B 57 2.46 13.62 -4.66
CA GLY B 57 2.67 13.83 -6.10
C GLY B 57 1.65 13.28 -7.08
N ASP B 58 2.14 12.44 -7.99
CA ASP B 58 1.31 11.85 -9.07
C ASP B 58 0.55 10.60 -8.65
N LEU B 59 0.47 10.31 -7.35
CA LEU B 59 -0.21 9.10 -6.86
C LEU B 59 -1.67 9.00 -7.29
N ALA B 60 -2.37 10.15 -7.23
CA ALA B 60 -3.80 10.23 -7.59
C ALA B 60 -4.08 10.12 -9.11
N SER B 61 -3.04 10.15 -9.93
CA SER B 61 -3.27 10.03 -11.38
C SER B 61 -3.42 8.57 -11.83
N SER B 62 -3.24 7.63 -10.88
CA SER B 62 -3.36 6.20 -11.19
C SER B 62 -4.54 5.59 -10.48
N VAL B 63 -5.52 5.16 -11.24
CA VAL B 63 -6.72 4.65 -10.59
C VAL B 63 -6.42 3.34 -9.82
N TYR B 64 -5.62 2.47 -10.43
CA TYR B 64 -5.28 1.19 -9.80
C TYR B 64 -4.35 1.39 -8.58
N ALA B 65 -3.60 2.47 -8.57
CA ALA B 65 -2.80 2.83 -7.41
C ALA B 65 -3.72 3.17 -6.24
N MET B 66 -4.74 3.98 -6.48
CA MET B 66 -5.63 4.39 -5.39
C MET B 66 -6.39 3.16 -4.92
N ALA B 67 -6.87 2.38 -5.90
CA ALA B 67 -7.56 1.12 -5.62
C ALA B 67 -6.70 0.17 -4.81
N THR B 68 -5.42 0.10 -5.13
CA THR B 68 -4.52 -0.81 -4.42
C THR B 68 -4.38 -0.38 -2.96
N LEU B 69 -4.27 0.92 -2.73
CA LEU B 69 -4.16 1.40 -1.36
C LEU B 69 -5.42 1.06 -0.54
N PHE B 70 -6.60 1.30 -1.10
CA PHE B 70 -7.83 0.98 -0.35
C PHE B 70 -8.00 -0.51 -0.11
N ALA B 71 -7.59 -1.31 -1.08
CA ALA B 71 -7.58 -2.76 -0.89
C ALA B 71 -6.62 -3.12 0.22
N LEU B 72 -5.47 -2.48 0.28
CA LEU B 72 -4.47 -2.85 1.29
C LEU B 72 -4.95 -2.44 2.71
N ASP B 73 -5.63 -1.33 2.80
CA ASP B 73 -6.29 -0.92 4.03
C ASP B 73 -7.22 -2.05 4.54
N ARG B 74 -8.14 -2.49 3.68
CA ARG B 74 -9.05 -3.59 4.01
C ARG B 74 -8.34 -4.87 4.35
N ALA B 75 -7.27 -5.18 3.63
CA ALA B 75 -6.52 -6.43 3.86
C ALA B 75 -5.83 -6.41 5.21
N GLY B 76 -5.53 -5.20 5.71
CA GLY B 76 -5.04 -5.04 7.08
C GLY B 76 -6.09 -5.28 8.16
N ALA B 77 -7.35 -5.26 7.75
CA ALA B 77 -8.45 -5.48 8.67
C ALA B 77 -9.02 -6.90 8.51
N VAL B 78 -8.47 -7.72 7.61
CA VAL B 78 -9.08 -9.00 7.32
C VAL B 78 -9.30 -9.84 8.58
N HIS B 79 -8.32 -9.89 9.49
CA HIS B 79 -8.44 -10.72 10.71
C HIS B 79 -9.46 -10.12 11.68
N THR B 80 -9.44 -8.81 11.86
CA THR B 80 -10.45 -8.12 12.63
C THR B 80 -11.86 -8.55 12.18
N ILE B 81 -12.18 -8.27 10.92
CA ILE B 81 -13.51 -8.60 10.37
C ILE B 81 -13.97 -10.02 10.70
N GLN B 82 -13.13 -10.99 10.42
CA GLN B 82 -13.50 -12.40 10.62
C GLN B 82 -13.71 -12.68 12.10
N GLY B 83 -12.97 -11.96 12.94
CA GLY B 83 -13.14 -12.01 14.38
C GLY B 83 -14.39 -11.35 14.87
N LEU B 84 -14.81 -10.24 14.24
CA LEU B 84 -16.07 -9.59 14.59
C LEU B 84 -17.27 -10.47 14.17
N CYS B 85 -17.12 -11.15 13.03
CA CYS B 85 -18.14 -12.08 12.56
C CYS B 85 -18.34 -13.26 13.51
N ARG B 86 -17.25 -13.69 14.15
CA ARG B 86 -17.32 -14.80 15.09
C ARG B 86 -17.96 -14.42 16.41
N GLY B 87 -17.72 -13.20 16.87
CA GLY B 87 -18.22 -12.78 18.19
C GLY B 87 -19.59 -12.14 18.17
N TYR B 88 -19.94 -11.50 17.05
CA TYR B 88 -21.21 -10.81 16.90
C TYR B 88 -22.13 -11.59 15.96
N ASP B 89 -23.44 -11.45 16.17
CA ASP B 89 -24.41 -12.08 15.31
C ASP B 89 -24.36 -11.46 13.94
N VAL B 90 -24.36 -10.13 13.91
CA VAL B 90 -24.32 -9.39 12.68
C VAL B 90 -23.13 -8.41 12.68
N VAL B 91 -22.50 -8.28 11.51
CA VAL B 91 -21.44 -7.30 11.33
C VAL B 91 -21.81 -6.45 10.12
N ILE B 92 -21.85 -5.15 10.32
CA ILE B 92 -22.21 -4.22 9.27
C ILE B 92 -21.01 -3.35 8.93
N LEU B 93 -20.61 -3.35 7.67
CA LEU B 93 -19.52 -2.49 7.18
C LEU B 93 -20.08 -1.30 6.44
N ASP B 94 -19.68 -0.12 6.83
CA ASP B 94 -20.03 1.09 6.09
C ASP B 94 -18.95 1.30 5.02
N ARG B 95 -19.24 0.81 3.82
CA ARG B 95 -18.32 0.60 2.69
C ARG B 95 -17.50 -0.67 2.83
N TYR B 96 -17.32 -1.33 1.68
CA TYR B 96 -16.47 -2.49 1.62
C TYR B 96 -15.90 -2.62 0.19
N VAL B 97 -15.74 -3.85 -0.28
CA VAL B 97 -14.99 -4.10 -1.49
C VAL B 97 -15.73 -3.50 -2.67
N ALA B 98 -17.05 -3.52 -2.63
CA ALA B 98 -17.82 -2.96 -3.75
C ALA B 98 -17.48 -1.48 -4.01
N SER B 99 -17.17 -0.71 -2.95
CA SER B 99 -16.80 0.69 -3.13
C SER B 99 -15.59 0.82 -4.07
N ASN B 100 -14.71 -0.16 -4.01
CA ASN B 100 -13.50 -0.08 -4.83
C ASN B 100 -13.86 -0.37 -6.28
N ALA B 101 -14.80 -1.29 -6.49
CA ALA B 101 -15.15 -1.68 -7.87
C ALA B 101 -15.87 -0.52 -8.55
N ALA B 102 -16.79 0.07 -7.80
CA ALA B 102 -17.65 1.14 -8.29
C ALA B 102 -16.87 2.39 -8.65
N TYR B 103 -16.02 2.86 -7.72
CA TYR B 103 -15.27 4.11 -7.96
C TYR B 103 -14.17 3.94 -8.99
N SER B 104 -13.49 2.78 -8.97
CA SER B 104 -12.52 2.45 -10.00
C SER B 104 -13.17 2.40 -11.39
N ALA B 105 -14.18 1.56 -11.58
CA ALA B 105 -14.90 1.51 -12.85
C ALA B 105 -15.26 2.92 -13.26
N ALA B 106 -15.95 3.63 -12.37
CA ALA B 106 -16.42 4.99 -12.67
C ALA B 106 -15.31 5.93 -13.17
N ARG B 107 -14.18 5.95 -12.45
CA ARG B 107 -12.98 6.73 -12.81
C ARG B 107 -12.45 6.42 -14.20
N LEU B 108 -12.49 5.15 -14.58
CA LEU B 108 -12.00 4.71 -15.90
C LEU B 108 -13.11 4.77 -16.98
N HIS B 109 -14.28 5.31 -16.63
CA HIS B 109 -15.45 5.27 -17.49
C HIS B 109 -15.73 3.84 -17.98
N GLU B 110 -15.62 2.87 -17.08
CA GLU B 110 -16.01 1.48 -17.38
C GLU B 110 -17.36 1.16 -16.75
N ASN B 111 -17.99 0.09 -17.21
CA ASN B 111 -19.19 -0.42 -16.54
C ASN B 111 -18.80 -1.55 -15.61
N ALA B 112 -19.77 -2.13 -14.90
CA ALA B 112 -19.51 -3.25 -13.97
C ALA B 112 -18.95 -4.54 -14.63
N ALA B 113 -19.03 -4.65 -15.95
CA ALA B 113 -18.50 -5.81 -16.68
C ALA B 113 -17.07 -5.56 -17.13
N GLY B 114 -16.54 -4.38 -16.77
CA GLY B 114 -15.19 -3.97 -17.16
C GLY B 114 -14.04 -4.64 -16.38
N LYS B 115 -12.83 -4.26 -16.78
CA LYS B 115 -11.59 -4.85 -16.26
C LYS B 115 -11.31 -4.48 -14.80
N ALA B 116 -11.50 -3.20 -14.45
CA ALA B 116 -11.25 -2.69 -13.10
C ALA B 116 -12.10 -3.42 -12.04
N ALA B 117 -13.40 -3.56 -12.32
CA ALA B 117 -14.34 -4.31 -11.47
C ALA B 117 -13.94 -5.78 -11.27
N ALA B 118 -13.52 -6.49 -12.33
CA ALA B 118 -13.06 -7.89 -12.21
C ALA B 118 -11.73 -7.94 -11.46
N TRP B 119 -10.85 -6.97 -11.71
CA TRP B 119 -9.58 -6.86 -10.96
C TRP B 119 -9.76 -6.68 -9.44
N VAL B 120 -10.63 -5.76 -9.03
CA VAL B 120 -10.93 -5.61 -7.60
C VAL B 120 -11.42 -6.91 -7.00
N GLN B 121 -12.37 -7.56 -7.66
CA GLN B 121 -12.88 -8.82 -7.15
C GLN B 121 -11.79 -9.86 -6.95
N ARG B 122 -10.85 -9.92 -7.90
CA ARG B 122 -9.74 -10.88 -7.86
C ARG B 122 -8.71 -10.55 -6.81
N ILE B 123 -8.32 -9.28 -6.74
CA ILE B 123 -7.29 -8.88 -5.79
C ILE B 123 -7.82 -8.91 -4.37
N GLU B 124 -9.02 -8.40 -4.16
CA GLU B 124 -9.53 -8.32 -2.80
C GLU B 124 -10.05 -9.64 -2.27
N PHE B 125 -10.97 -10.29 -2.99
CA PHE B 125 -11.55 -11.53 -2.48
C PHE B 125 -10.64 -12.79 -2.67
N ALA B 126 -10.08 -12.97 -3.85
CA ALA B 126 -9.28 -14.17 -4.14
C ALA B 126 -7.94 -14.06 -3.47
N ARG B 127 -7.18 -13.05 -3.86
CA ARG B 127 -5.79 -12.94 -3.47
C ARG B 127 -5.58 -12.50 -2.01
N LEU B 128 -6.27 -11.43 -1.61
CA LEU B 128 -6.10 -10.89 -0.26
C LEU B 128 -6.94 -11.65 0.75
N GLY B 129 -7.90 -12.42 0.29
CA GLY B 129 -8.73 -13.26 1.15
C GLY B 129 -9.72 -12.47 1.97
N LEU B 130 -10.21 -11.35 1.47
CA LEU B 130 -11.28 -10.65 2.20
C LEU B 130 -12.51 -11.48 2.06
N PRO B 131 -13.30 -11.56 3.14
CA PRO B 131 -14.45 -12.43 3.10
C PRO B 131 -15.55 -11.77 2.27
N LYS B 132 -16.27 -12.59 1.51
CA LYS B 132 -17.41 -12.10 0.73
C LYS B 132 -18.54 -11.78 1.69
N PRO B 133 -19.17 -10.61 1.53
CA PRO B 133 -20.32 -10.28 2.37
C PRO B 133 -21.58 -11.10 2.04
N ASP B 134 -22.37 -11.44 3.06
CA ASP B 134 -23.61 -12.19 2.82
C ASP B 134 -24.62 -11.31 2.11
N TRP B 135 -24.58 -10.02 2.40
CA TRP B 135 -25.45 -9.07 1.71
C TRP B 135 -24.67 -7.80 1.47
N GLN B 136 -24.95 -7.16 0.34
CA GLN B 136 -24.53 -5.81 0.09
C GLN B 136 -25.76 -4.99 -0.17
N VAL B 137 -25.92 -3.96 0.64
CA VAL B 137 -27.07 -3.10 0.56
C VAL B 137 -26.69 -1.81 -0.13
N LEU B 138 -27.25 -1.59 -1.33
CA LEU B 138 -27.03 -0.36 -2.10
C LEU B 138 -28.04 0.67 -1.70
N LEU B 139 -27.60 1.71 -1.01
CA LEU B 139 -28.46 2.88 -0.76
C LEU B 139 -28.44 3.78 -2.02
N ALA B 140 -29.41 3.59 -2.93
CA ALA B 140 -29.37 4.23 -4.26
C ALA B 140 -29.94 5.65 -4.30
N VAL B 141 -29.29 6.53 -5.08
CA VAL B 141 -29.76 7.90 -5.38
C VAL B 141 -29.80 8.14 -6.91
N SER B 142 -30.45 9.21 -7.34
CA SER B 142 -30.50 9.52 -8.77
C SER B 142 -29.22 10.26 -9.19
N ALA B 143 -28.97 10.37 -10.50
CA ALA B 143 -27.99 11.32 -11.02
C ALA B 143 -28.26 12.75 -10.50
N GLU B 144 -29.50 13.02 -10.16
CA GLU B 144 -29.92 14.35 -9.70
C GLU B 144 -29.20 14.71 -8.39
N LEU B 145 -29.13 13.75 -7.48
CA LEU B 145 -28.61 14.01 -6.12
C LEU B 145 -27.20 13.43 -5.89
N ALA B 146 -26.61 12.85 -6.93
CA ALA B 146 -25.25 12.32 -6.90
C ALA B 146 -24.23 13.42 -7.22
C ARG B 167 -16.51 15.28 -5.39
N ASP B 168 -16.36 14.88 -6.66
CA ASP B 168 -16.96 15.66 -7.76
C ASP B 168 -18.20 15.01 -8.37
N ALA B 169 -19.13 15.86 -8.76
CA ALA B 169 -20.46 15.46 -9.20
C ALA B 169 -20.47 14.30 -10.21
N GLU B 170 -19.65 14.40 -11.25
CA GLU B 170 -19.72 13.50 -12.41
C GLU B 170 -19.23 12.11 -12.07
N LEU B 171 -18.13 12.04 -11.33
CA LEU B 171 -17.63 10.78 -10.82
C LEU B 171 -18.71 10.12 -10.01
N GLN B 172 -19.33 10.91 -9.15
CA GLN B 172 -20.37 10.35 -8.26
C GLN B 172 -21.54 9.79 -9.09
N GLN B 173 -21.90 10.44 -10.20
CA GLN B 173 -23.00 9.95 -11.07
C GLN B 173 -22.59 8.63 -11.76
N ARG B 174 -21.36 8.57 -12.25
CA ARG B 174 -20.90 7.37 -12.93
C ARG B 174 -20.79 6.23 -11.93
N THR B 175 -20.40 6.57 -10.69
CA THR B 175 -20.24 5.57 -9.62
C THR B 175 -21.56 4.96 -9.24
N GLY B 176 -22.58 5.80 -9.09
CA GLY B 176 -23.93 5.32 -8.80
C GLY B 176 -24.49 4.36 -9.86
N ALA B 177 -24.18 4.59 -11.14
CA ALA B 177 -24.59 3.68 -12.21
C ALA B 177 -23.86 2.35 -12.10
N VAL B 178 -22.55 2.40 -11.87
CA VAL B 178 -21.76 1.17 -11.73
C VAL B 178 -22.26 0.37 -10.53
N TYR B 179 -22.49 1.01 -9.40
CA TYR B 179 -23.03 0.30 -8.23
C TYR B 179 -24.28 -0.52 -8.57
N ALA B 180 -25.22 0.10 -9.30
CA ALA B 180 -26.50 -0.50 -9.64
C ALA B 180 -26.28 -1.72 -10.53
N GLU B 181 -25.35 -1.58 -11.46
CA GLU B 181 -24.94 -2.69 -12.29
C GLU B 181 -24.28 -3.80 -11.48
N LEU B 182 -23.45 -3.43 -10.50
CA LEU B 182 -22.83 -4.44 -9.66
C LEU B 182 -23.90 -5.24 -8.97
N ALA B 183 -24.92 -4.57 -8.42
CA ALA B 183 -26.06 -5.24 -7.76
C ALA B 183 -26.88 -6.13 -8.72
N ALA B 184 -27.07 -5.67 -9.94
CA ALA B 184 -27.82 -6.45 -10.92
C ALA B 184 -27.06 -7.74 -11.24
N GLN B 185 -25.74 -7.64 -11.25
CA GLN B 185 -24.84 -8.77 -11.52
C GLN B 185 -24.74 -9.80 -10.39
N GLY B 186 -25.19 -9.43 -9.19
CA GLY B 186 -24.85 -10.18 -7.97
C GLY B 186 -23.33 -10.25 -7.71
N TRP B 187 -22.62 -9.13 -7.90
CA TRP B 187 -21.15 -9.09 -7.81
C TRP B 187 -20.74 -9.24 -6.37
N GLY B 188 -19.96 -10.28 -6.09
CA GLY B 188 -19.51 -10.56 -4.72
C GLY B 188 -20.52 -11.27 -3.82
N GLY B 189 -21.73 -11.49 -4.34
CA GLY B 189 -22.85 -11.98 -3.51
C GLY B 189 -24.19 -11.33 -3.80
N ARG B 190 -25.18 -11.65 -2.96
CA ARG B 190 -26.52 -11.09 -3.06
C ARG B 190 -26.48 -9.61 -2.72
N TRP B 191 -27.32 -8.82 -3.40
CA TRP B 191 -27.52 -7.41 -3.07
C TRP B 191 -28.97 -7.08 -2.77
N LEU B 192 -29.20 -6.03 -1.98
CA LEU B 192 -30.50 -5.38 -1.87
C LEU B 192 -30.31 -3.96 -2.36
N VAL B 193 -31.33 -3.41 -3.02
CA VAL B 193 -31.36 -2.01 -3.42
C VAL B 193 -32.50 -1.25 -2.71
N VAL B 194 -32.11 -0.28 -1.88
CA VAL B 194 -33.06 0.53 -1.09
C VAL B 194 -32.85 2.04 -1.34
N GLY B 195 -33.88 2.81 -1.04
CA GLY B 195 -33.78 4.26 -1.08
C GLY B 195 -33.51 4.83 0.31
N ALA B 196 -33.15 6.11 0.37
CA ALA B 196 -32.81 6.80 1.63
C ALA B 196 -33.68 6.40 2.82
N ASP B 197 -34.97 6.63 2.67
CA ASP B 197 -35.90 6.56 3.80
C ASP B 197 -36.40 5.16 3.97
N VAL B 198 -35.48 4.29 4.31
CA VAL B 198 -35.73 2.87 4.41
C VAL B 198 -36.53 2.61 5.69
N ASP B 199 -37.31 1.54 5.69
CA ASP B 199 -37.97 1.04 6.90
C ASP B 199 -37.01 0.03 7.58
N PRO B 200 -36.28 0.47 8.64
CA PRO B 200 -35.18 -0.29 9.25
C PRO B 200 -35.59 -1.64 9.85
N GLY B 201 -36.79 -1.70 10.42
CA GLY B 201 -37.32 -2.96 10.91
C GLY B 201 -37.52 -3.97 9.80
N ARG B 202 -38.18 -3.55 8.72
CA ARG B 202 -38.41 -4.41 7.56
C ARG B 202 -37.09 -4.83 6.89
N LEU B 203 -36.13 -3.91 6.79
CA LEU B 203 -34.83 -4.20 6.19
C LEU B 203 -34.07 -5.24 7.02
N ALA B 204 -34.07 -5.05 8.35
CA ALA B 204 -33.45 -6.03 9.24
C ALA B 204 -34.07 -7.41 9.07
N ALA B 205 -35.39 -7.47 8.93
CA ALA B 205 -36.09 -8.74 8.81
C ALA B 205 -35.73 -9.47 7.52
N THR B 206 -35.66 -8.73 6.41
CA THR B 206 -35.29 -9.28 5.12
C THR B 206 -33.89 -9.85 5.18
N LEU B 207 -33.01 -9.10 5.84
CA LEU B 207 -31.60 -9.38 5.91
C LEU B 207 -31.26 -10.52 6.86
N ALA B 208 -32.03 -10.67 7.93
CA ALA B 208 -31.69 -11.59 9.01
C ALA B 208 -31.89 -13.06 8.60
N PRO B 209 -31.12 -13.98 9.22
CA PRO B 209 -31.17 -15.41 8.87
C PRO B 209 -32.42 -16.11 9.40
C1 H6D C . 13.03 -3.00 -6.12
S2 H6D C . 14.27 -1.74 -6.20
O3 H6D C . 14.51 -1.52 -7.67
C4 H6D C . 13.30 -0.39 -5.60
C5 H6D C . 12.67 0.45 -6.57
C6 H6D C . 11.92 1.50 -6.17
N7 H6D C . 11.78 1.71 -4.79
C8 H6D C . 12.35 0.94 -3.80
O9 H6D C . 12.17 1.18 -2.61
C10 H6D C . 13.14 -0.17 -4.28
C11 H6D C . 13.72 -1.00 -3.28
N12 H6D C . 14.16 -1.70 -2.49
C13 H6D C . 11.15 2.40 -7.07
C14 H6D C . 10.69 3.65 -6.66
C15 H6D C . 9.92 4.45 -7.52
C16 H6D C . 9.60 4.01 -8.79
C17 H6D C . 10.05 2.77 -9.19
C18 H6D C . 10.81 1.95 -8.35
O19 H6D C . 9.72 2.31 -10.47
C20 H6D C . 10.60 2.27 -11.40
F21 H6D C . 10.04 1.70 -12.46
F22 H6D C . 11.70 1.64 -11.09
F23 H6D C . 11.05 3.45 -11.75
C1 H6D D . -13.19 5.99 0.42
S2 H6D D . -14.48 5.38 -0.65
O3 H6D D . -14.87 6.54 -1.50
C4 H6D D . -13.48 4.28 -1.68
C5 H6D D . -12.97 4.82 -2.90
C6 H6D D . -12.19 4.03 -3.70
N7 H6D D . -11.94 2.72 -3.29
C8 H6D D . -12.41 2.14 -2.10
O9 H6D D . -12.15 0.97 -1.82
C10 H6D D . -13.21 3.02 -1.29
C11 H6D D . -13.70 2.46 -0.07
N12 H6D D . -14.10 1.97 0.87
C13 H6D D . -11.54 4.48 -4.96
C14 H6D D . -11.11 3.57 -5.92
C15 H6D D . -10.46 4.00 -7.07
C16 H6D D . -10.22 5.34 -7.28
C17 H6D D . -10.65 6.25 -6.33
C18 H6D D . -11.30 5.83 -5.17
O19 H6D D . -10.41 7.64 -6.54
C20 H6D D . -11.39 8.44 -6.88
F21 H6D D . -11.81 8.12 -8.07
F22 H6D D . -11.01 9.70 -6.95
F23 H6D D . -12.42 8.46 -6.04
NA NA E . -22.62 8.72 2.51
#